data_7HGD
#
_entry.id   7HGD
#
_cell.length_a   41.420
_cell.length_b   42.120
_cell.length_c   158.760
_cell.angle_alpha   90.00
_cell.angle_beta   90.00
_cell.angle_gamma   90.00
#
_symmetry.space_group_name_H-M   'P 21 21 21'
#
loop_
_entity.id
_entity.type
_entity.pdbx_description
1 polymer 'Hepatoma-derived growth factor-related protein 2'
2 non-polymer 'SULFATE ION'
3 non-polymer 1,2-ETHANEDIOL
4 non-polymer N-methyl-N-[2-oxo-2-(piperidin-1-yl)ethyl]methanesulfonamide
5 water water
#
_entity_poly.entity_id   1
_entity_poly.type   'polypeptide(L)'
_entity_poly.pdbx_seq_one_letter_code
;GMPHAFKPGDLVFAKMKGYPHWPARIDDIADGAVKPPPNKYPIFFFGTHETAFLGPKDLFPYDKSKDKYGKPNKRKGFNE
GLWEIQNNPHASYS
;
_entity_poly.pdbx_strand_id   A,B,C
#
loop_
_chem_comp.id
_chem_comp.type
_chem_comp.name
_chem_comp.formula
A1A3S non-polymer N-methyl-N-[2-oxo-2-(piperidin-1-yl)ethyl]methanesulfonamide 'C9 H18 N2 O3 S'
EDO non-polymer 1,2-ETHANEDIOL 'C2 H6 O2'
SO4 non-polymer 'SULFATE ION' 'O4 S -2'
#
# COMPACT_ATOMS: atom_id res chain seq x y z
N MET A 2 -15.85 22.27 -8.01
CA MET A 2 -15.02 21.90 -9.19
C MET A 2 -13.86 21.01 -8.76
N PRO A 3 -13.26 20.24 -9.69
CA PRO A 3 -12.11 19.37 -9.41
C PRO A 3 -10.81 20.12 -9.08
N HIS A 4 -9.97 19.49 -8.25
CA HIS A 4 -8.63 19.97 -7.97
C HIS A 4 -7.67 19.08 -8.76
N ALA A 5 -6.38 19.41 -8.76
CA ALA A 5 -5.38 18.47 -9.25
C ALA A 5 -5.36 17.20 -8.39
N PHE A 6 -4.80 16.15 -8.98
CA PHE A 6 -4.61 14.93 -8.26
C PHE A 6 -3.67 15.15 -7.06
N LYS A 7 -3.97 14.45 -5.96
CA LYS A 7 -3.08 14.52 -4.80
C LYS A 7 -2.92 13.12 -4.20
N PRO A 8 -1.84 12.85 -3.45
CA PRO A 8 -1.68 11.56 -2.79
C PRO A 8 -2.92 11.17 -1.97
N GLY A 9 -3.32 9.89 -2.10
CA GLY A 9 -4.50 9.35 -1.45
C GLY A 9 -5.75 9.32 -2.35
N ASP A 10 -5.74 10.08 -3.45
CA ASP A 10 -6.86 10.01 -4.41
C ASP A 10 -7.03 8.60 -4.97
N LEU A 11 -8.29 8.15 -5.11
CA LEU A 11 -8.51 6.81 -5.65
C LEU A 11 -8.94 6.95 -7.11
N VAL A 12 -8.51 5.99 -7.96
CA VAL A 12 -8.71 6.07 -9.40
C VAL A 12 -8.85 4.67 -9.97
N PHE A 13 -9.39 4.59 -11.21
CA PHE A 13 -8.99 3.51 -12.09
C PHE A 13 -7.89 4.09 -12.99
N ALA A 14 -6.77 3.34 -13.13
CA ALA A 14 -5.62 3.77 -13.91
C ALA A 14 -5.52 2.87 -15.15
N LYS A 15 -5.23 3.50 -16.31
CA LYS A 15 -5.26 2.81 -17.59
C LYS A 15 -3.83 2.67 -18.11
N MET A 16 -3.42 1.41 -18.35
CA MET A 16 -2.18 1.09 -19.02
C MET A 16 -2.52 0.32 -20.29
N LYS A 17 -1.88 0.70 -21.41
CA LYS A 17 -1.97 -0.02 -22.68
C LYS A 17 -2.00 -1.52 -22.40
N GLY A 18 -3.01 -2.21 -22.94
CA GLY A 18 -3.04 -3.66 -22.82
C GLY A 18 -3.68 -4.18 -21.54
N TYR A 19 -4.11 -3.29 -20.64
CA TYR A 19 -4.72 -3.78 -19.41
C TYR A 19 -6.04 -3.06 -19.23
N PRO A 20 -7.02 -3.70 -18.54
CA PRO A 20 -8.31 -3.06 -18.26
C PRO A 20 -8.02 -1.92 -17.29
N HIS A 21 -8.87 -0.89 -17.32
CA HIS A 21 -8.84 0.18 -16.33
C HIS A 21 -8.78 -0.47 -14.93
N TRP A 22 -7.79 -0.06 -14.11
CA TRP A 22 -7.39 -0.89 -12.97
C TRP A 22 -7.52 -0.13 -11.66
N PRO A 23 -8.11 -0.71 -10.59
CA PRO A 23 -8.21 0.02 -9.31
C PRO A 23 -6.85 0.42 -8.77
N ALA A 24 -6.72 1.69 -8.38
CA ALA A 24 -5.40 2.15 -7.98
C ALA A 24 -5.50 3.41 -7.13
N ARG A 25 -4.37 3.82 -6.55
CA ARG A 25 -4.38 5.11 -5.82
C ARG A 25 -3.17 5.95 -6.21
N ILE A 26 -3.28 7.26 -6.02
CA ILE A 26 -2.10 8.12 -6.10
C ILE A 26 -1.29 7.93 -4.81
N ASP A 27 -0.04 7.49 -4.92
CA ASP A 27 0.76 7.28 -3.72
C ASP A 27 1.49 8.56 -3.32
N ASP A 28 1.92 8.55 -2.04
CA ASP A 28 2.92 9.49 -1.59
C ASP A 28 4.29 9.03 -2.08
N ILE A 29 5.26 9.93 -2.03
CA ILE A 29 6.65 9.50 -2.23
C ILE A 29 7.29 9.57 -0.85
N ALA A 30 7.86 8.47 -0.37
CA ALA A 30 8.53 8.48 0.93
C ALA A 30 9.83 9.31 0.85
N ASP A 31 10.19 9.91 1.99
CA ASP A 31 11.53 10.46 2.15
C ASP A 31 12.54 9.46 1.63
N GLY A 32 13.47 9.94 0.77
CA GLY A 32 14.58 9.13 0.31
C GLY A 32 14.23 8.20 -0.85
N ALA A 33 12.96 8.19 -1.27
CA ALA A 33 12.49 7.31 -2.34
C ALA A 33 12.57 7.98 -3.72
N VAL A 34 12.64 7.13 -4.75
CA VAL A 34 12.71 7.62 -6.13
C VAL A 34 11.47 8.44 -6.49
N LYS A 35 11.69 9.63 -7.04
CA LYS A 35 10.62 10.51 -7.48
C LYS A 35 10.18 10.14 -8.89
N PRO A 36 8.91 10.43 -9.25
CA PRO A 36 8.43 10.19 -10.62
C PRO A 36 9.03 11.22 -11.56
N PRO A 37 8.98 10.98 -12.88
CA PRO A 37 9.33 12.04 -13.84
C PRO A 37 8.39 13.22 -13.69
N PRO A 38 8.74 14.40 -14.24
CA PRO A 38 7.84 15.55 -14.27
C PRO A 38 6.50 15.25 -14.94
N ASN A 39 5.44 15.87 -14.42
CA ASN A 39 4.08 15.71 -14.88
C ASN A 39 3.54 14.30 -14.65
N LYS A 40 4.31 13.40 -13.98
CA LYS A 40 3.80 12.06 -13.73
C LYS A 40 3.52 11.91 -12.22
N TYR A 41 2.64 10.95 -11.91
CA TYR A 41 2.26 10.65 -10.52
C TYR A 41 2.66 9.21 -10.24
N PRO A 42 3.03 8.82 -8.99
CA PRO A 42 3.26 7.40 -8.67
C PRO A 42 1.95 6.71 -8.37
N ILE A 43 1.63 5.71 -9.21
CA ILE A 43 0.35 5.05 -9.11
C ILE A 43 0.59 3.69 -8.49
N PHE A 44 -0.15 3.44 -7.40
CA PHE A 44 -0.10 2.15 -6.77
C PHE A 44 -1.33 1.36 -7.22
N PHE A 45 -1.08 0.20 -7.81
CA PHE A 45 -2.17 -0.59 -8.40
C PHE A 45 -2.58 -1.59 -7.33
N PHE A 46 -3.87 -1.58 -7.00
CA PHE A 46 -4.36 -2.53 -6.02
C PHE A 46 -4.30 -3.96 -6.60
N GLY A 47 -4.19 -4.93 -5.68
CA GLY A 47 -4.24 -6.33 -6.05
C GLY A 47 -2.86 -6.82 -6.51
N THR A 48 -2.30 -6.22 -7.59
CA THR A 48 -0.96 -6.59 -8.03
C THR A 48 0.10 -5.95 -7.13
N HIS A 49 -0.25 -4.81 -6.55
CA HIS A 49 0.67 -4.06 -5.70
C HIS A 49 1.87 -3.50 -6.47
N GLU A 50 1.73 -3.32 -7.79
CA GLU A 50 2.73 -2.74 -8.67
C GLU A 50 2.65 -1.20 -8.64
N THR A 51 3.77 -0.53 -8.88
CA THR A 51 3.76 0.92 -9.06
C THR A 51 4.17 1.24 -10.49
N ALA A 52 3.44 2.17 -11.14
CA ALA A 52 3.94 2.79 -12.36
C ALA A 52 3.74 4.30 -12.29
N PHE A 53 4.36 5.03 -13.22
CA PHE A 53 4.25 6.47 -13.21
C PHE A 53 3.35 6.85 -14.36
N LEU A 54 2.28 7.60 -14.05
CA LEU A 54 1.30 7.89 -15.09
C LEU A 54 0.90 9.35 -15.00
N GLY A 55 0.43 9.89 -16.15
CA GLY A 55 -0.12 11.24 -16.14
C GLY A 55 -1.64 11.18 -16.08
N PRO A 56 -2.28 12.34 -15.81
CA PRO A 56 -3.75 12.45 -15.68
C PRO A 56 -4.57 11.88 -16.83
N LYS A 57 -4.00 11.84 -18.05
CA LYS A 57 -4.79 11.30 -19.14
C LYS A 57 -5.20 9.85 -18.90
N ASP A 58 -4.48 9.14 -18.00
CA ASP A 58 -4.68 7.73 -17.79
C ASP A 58 -5.36 7.50 -16.43
N LEU A 59 -5.79 8.61 -15.77
CA LEU A 59 -6.32 8.47 -14.39
C LEU A 59 -7.80 8.86 -14.37
N PHE A 60 -8.68 7.92 -13.96
CA PHE A 60 -10.12 8.19 -13.93
C PHE A 60 -10.59 8.20 -12.48
N PRO A 61 -11.11 9.31 -11.95
CA PRO A 61 -11.55 9.33 -10.53
C PRO A 61 -12.51 8.20 -10.18
N TYR A 62 -12.25 7.55 -9.03
CA TYR A 62 -12.91 6.28 -8.73
C TYR A 62 -14.43 6.47 -8.55
N ASP A 63 -14.87 7.55 -7.89
CA ASP A 63 -16.29 7.69 -7.60
C ASP A 63 -17.08 7.80 -8.91
N LYS A 64 -16.65 8.69 -9.80
CA LYS A 64 -17.27 8.86 -11.12
C LYS A 64 -17.25 7.56 -11.95
N SER A 65 -16.20 6.74 -11.83
CA SER A 65 -15.90 5.67 -12.78
C SER A 65 -16.27 4.27 -12.31
N LYS A 66 -16.64 4.09 -11.03
CA LYS A 66 -16.74 2.74 -10.48
C LYS A 66 -17.88 1.91 -11.10
N ASP A 67 -19.03 2.57 -11.39
N ASP A 67 -19.02 2.58 -11.38
CA ASP A 67 -20.12 1.84 -12.02
CA ASP A 67 -20.12 1.89 -12.04
C ASP A 67 -19.65 1.23 -13.35
C ASP A 67 -19.62 1.21 -13.32
N LYS A 68 -18.78 1.91 -14.09
CA LYS A 68 -18.33 1.42 -15.38
C LYS A 68 -17.22 0.38 -15.26
N TYR A 69 -16.26 0.63 -14.34
CA TYR A 69 -15.00 -0.10 -14.39
C TYR A 69 -14.83 -1.07 -13.22
N GLY A 70 -15.71 -0.99 -12.24
CA GLY A 70 -15.56 -1.76 -11.01
C GLY A 70 -16.35 -3.06 -11.08
N LYS A 71 -15.95 -3.94 -11.99
CA LYS A 71 -16.60 -5.22 -12.16
C LYS A 71 -15.49 -6.25 -12.28
N PRO A 72 -15.75 -7.51 -11.88
CA PRO A 72 -14.72 -8.55 -11.91
C PRO A 72 -14.11 -8.77 -13.29
N ASN A 73 -12.82 -9.08 -13.29
CA ASN A 73 -12.04 -9.27 -14.50
C ASN A 73 -11.19 -10.50 -14.24
N LYS A 74 -10.88 -11.25 -15.30
CA LYS A 74 -10.16 -12.50 -15.12
C LYS A 74 -8.68 -12.25 -14.81
N ARG A 75 -8.20 -11.01 -15.06
CA ARG A 75 -6.77 -10.72 -14.99
C ARG A 75 -6.21 -10.89 -13.57
N LYS A 76 -4.95 -11.34 -13.48
CA LYS A 76 -4.32 -11.67 -12.21
C LYS A 76 -4.36 -10.44 -11.30
N GLY A 77 -5.00 -10.60 -10.14
CA GLY A 77 -4.86 -9.58 -9.10
C GLY A 77 -5.99 -8.56 -9.17
N PHE A 78 -6.82 -8.60 -10.22
CA PHE A 78 -7.80 -7.55 -10.41
C PHE A 78 -8.88 -7.60 -9.32
N ASN A 79 -9.41 -8.78 -9.04
CA ASN A 79 -10.52 -8.90 -8.11
C ASN A 79 -10.06 -8.62 -6.67
N GLU A 80 -8.84 -9.06 -6.35
CA GLU A 80 -8.22 -8.62 -5.11
C GLU A 80 -8.17 -7.10 -5.05
N GLY A 81 -7.75 -6.49 -6.17
CA GLY A 81 -7.72 -5.03 -6.29
C GLY A 81 -9.06 -4.37 -6.02
N LEU A 82 -10.16 -4.93 -6.55
CA LEU A 82 -11.47 -4.37 -6.30
C LEU A 82 -11.82 -4.38 -4.82
N TRP A 83 -11.37 -5.44 -4.11
CA TRP A 83 -11.70 -5.55 -2.70
C TRP A 83 -10.90 -4.49 -1.94
N GLU A 84 -9.63 -4.32 -2.32
CA GLU A 84 -8.79 -3.36 -1.61
C GLU A 84 -9.32 -1.94 -1.77
N ILE A 85 -9.68 -1.57 -3.02
CA ILE A 85 -10.05 -0.18 -3.22
C ILE A 85 -11.37 0.14 -2.49
N GLN A 86 -12.25 -0.87 -2.37
CA GLN A 86 -13.53 -0.67 -1.71
C GLN A 86 -13.41 -0.73 -0.17
N ASN A 87 -12.50 -1.58 0.34
CA ASN A 87 -12.57 -1.98 1.75
C ASN A 87 -11.42 -1.42 2.59
N ASN A 88 -10.23 -1.21 1.99
CA ASN A 88 -9.15 -0.60 2.76
C ASN A 88 -8.15 0.12 1.82
N PRO A 89 -8.62 1.15 1.10
CA PRO A 89 -7.81 1.77 0.02
C PRO A 89 -6.59 2.53 0.51
N HIS A 90 -6.52 2.83 1.82
CA HIS A 90 -5.43 3.67 2.35
C HIS A 90 -4.47 2.88 3.26
N ALA A 91 -4.55 1.55 3.22
CA ALA A 91 -3.73 0.73 4.11
C ALA A 91 -2.33 0.59 3.54
N SER A 92 -1.42 0.08 4.37
CA SER A 92 -0.11 -0.28 3.91
C SER A 92 -0.15 -1.67 3.27
N TYR A 93 0.33 -1.78 2.03
CA TYR A 93 0.25 -3.04 1.30
C TYR A 93 1.67 -3.55 1.07
N SER A 94 2.63 -2.96 1.78
CA SER A 94 4.02 -3.33 1.74
C SER A 94 4.28 -4.66 2.47
N MET B 2 32.95 13.33 27.05
CA MET B 2 34.26 12.89 26.49
C MET B 2 34.23 13.11 24.98
N PRO B 3 35.17 13.91 24.41
CA PRO B 3 35.26 14.11 22.95
C PRO B 3 35.30 12.76 22.23
N HIS B 4 34.70 12.68 21.03
CA HIS B 4 34.71 11.43 20.29
C HIS B 4 35.33 11.68 18.92
N ALA B 5 35.54 10.62 18.14
CA ALA B 5 36.07 10.81 16.80
C ALA B 5 35.22 11.86 16.10
N PHE B 6 33.90 11.71 16.23
CA PHE B 6 32.92 12.61 15.64
C PHE B 6 32.29 13.43 16.76
N LYS B 7 32.27 14.74 16.58
CA LYS B 7 31.65 15.64 17.54
C LYS B 7 30.40 16.28 16.92
N PRO B 8 29.40 16.68 17.74
CA PRO B 8 28.22 17.40 17.24
C PRO B 8 28.61 18.52 16.30
N GLY B 9 27.90 18.57 15.15
CA GLY B 9 28.07 19.59 14.13
C GLY B 9 29.01 19.16 13.02
N ASP B 10 29.69 18.01 13.19
CA ASP B 10 30.52 17.49 12.12
C ASP B 10 29.63 17.14 10.91
N LEU B 11 30.06 17.52 9.73
CA LEU B 11 29.23 17.22 8.56
C LEU B 11 29.72 15.88 7.97
N VAL B 12 28.78 15.09 7.40
CA VAL B 12 29.15 13.78 6.84
C VAL B 12 28.21 13.46 5.68
N PHE B 13 28.55 12.40 4.94
CA PHE B 13 27.53 11.63 4.26
C PHE B 13 27.30 10.40 5.11
N ALA B 14 26.00 10.06 5.30
CA ALA B 14 25.60 8.91 6.10
C ALA B 14 24.91 7.86 5.23
N LYS B 15 25.34 6.61 5.41
CA LYS B 15 24.85 5.52 4.56
C LYS B 15 23.82 4.65 5.29
N MET B 16 22.64 4.54 4.69
CA MET B 16 21.55 3.66 5.13
C MET B 16 21.30 2.65 4.03
N LYS B 17 21.00 1.40 4.43
CA LYS B 17 20.69 0.33 3.48
C LYS B 17 19.47 0.79 2.67
N GLY B 18 19.61 0.76 1.32
CA GLY B 18 18.53 1.15 0.42
C GLY B 18 18.62 2.60 -0.09
N TYR B 19 19.66 3.35 0.34
CA TYR B 19 19.72 4.77 0.01
C TYR B 19 21.15 5.14 -0.37
N PRO B 20 21.36 6.15 -1.24
CA PRO B 20 22.72 6.63 -1.52
C PRO B 20 23.31 7.31 -0.27
N HIS B 21 24.65 7.36 -0.14
CA HIS B 21 25.32 8.16 0.90
C HIS B 21 24.68 9.56 0.98
N TRP B 22 24.24 9.97 2.19
CA TRP B 22 23.24 11.02 2.26
C TRP B 22 23.82 12.21 3.03
N PRO B 23 23.70 13.49 2.56
CA PRO B 23 24.25 14.62 3.34
C PRO B 23 23.64 14.67 4.74
N ALA B 24 24.46 14.82 5.77
CA ALA B 24 23.93 14.71 7.10
C ALA B 24 24.91 15.36 8.09
N ARG B 25 24.46 15.42 9.33
CA ARG B 25 25.29 15.95 10.40
C ARG B 25 25.16 15.08 11.64
N ILE B 26 26.20 15.12 12.49
CA ILE B 26 26.11 14.57 13.82
C ILE B 26 25.35 15.59 14.67
N ASP B 27 24.34 15.11 15.39
CA ASP B 27 23.59 15.97 16.30
C ASP B 27 24.10 15.83 17.75
N ASP B 28 23.74 16.80 18.59
N ASP B 28 23.76 16.79 18.60
CA ASP B 28 24.13 16.88 19.99
CA ASP B 28 23.92 16.67 20.04
C ASP B 28 23.78 15.59 20.73
C ASP B 28 22.91 15.64 20.59
N VAL B 34 17.47 10.26 25.35
CA VAL B 34 17.10 8.96 24.69
C VAL B 34 18.33 8.42 23.94
N LYS B 35 19.48 8.46 24.62
CA LYS B 35 20.84 8.41 24.08
C LYS B 35 21.08 7.27 23.09
N PRO B 36 21.98 7.45 22.08
CA PRO B 36 22.27 6.41 21.07
C PRO B 36 22.73 5.07 21.65
N PRO B 37 22.58 3.94 20.92
CA PRO B 37 23.14 2.66 21.39
C PRO B 37 24.66 2.80 21.46
N PRO B 38 25.37 1.89 22.18
CA PRO B 38 26.84 1.93 22.22
C PRO B 38 27.46 2.04 20.83
N ASN B 39 28.46 2.92 20.69
CA ASN B 39 29.26 3.02 19.47
C ASN B 39 28.57 3.85 18.37
N LYS B 40 27.30 4.24 18.56
CA LYS B 40 26.57 4.94 17.52
C LYS B 40 26.37 6.41 17.88
N TYR B 41 25.97 7.20 16.89
CA TYR B 41 25.79 8.63 17.08
C TYR B 41 24.41 8.99 16.57
N PRO B 42 23.82 10.12 17.07
CA PRO B 42 22.58 10.60 16.48
C PRO B 42 22.90 11.30 15.16
N ILE B 43 22.25 10.85 14.06
CA ILE B 43 22.39 11.48 12.74
C ILE B 43 21.14 12.29 12.36
N PHE B 44 21.36 13.47 11.77
CA PHE B 44 20.29 14.26 11.16
C PHE B 44 20.55 14.31 9.67
N PHE B 45 19.55 13.86 8.89
CA PHE B 45 19.67 13.82 7.44
C PHE B 45 19.10 15.10 6.88
N PHE B 46 19.92 15.83 6.11
CA PHE B 46 19.49 17.07 5.50
C PHE B 46 18.46 16.77 4.40
N GLY B 47 17.57 17.73 4.14
CA GLY B 47 16.56 17.60 3.08
C GLY B 47 15.30 16.91 3.61
N THR B 48 15.45 15.67 4.06
CA THR B 48 14.36 14.89 4.61
C THR B 48 14.10 15.30 6.04
N HIS B 49 15.17 15.76 6.71
CA HIS B 49 15.15 16.08 8.13
C HIS B 49 14.81 14.87 8.97
N GLU B 50 15.12 13.66 8.49
CA GLU B 50 14.92 12.45 9.26
C GLU B 50 16.10 12.31 10.24
N THR B 51 15.95 11.41 11.21
CA THR B 51 17.01 11.07 12.16
C THR B 51 17.17 9.55 12.25
N ALA B 52 18.38 9.10 12.60
CA ALA B 52 18.67 7.71 12.87
C ALA B 52 19.96 7.63 13.69
N PHE B 53 20.22 6.44 14.23
CA PHE B 53 21.47 6.16 14.92
C PHE B 53 22.37 5.35 13.97
N LEU B 54 23.58 5.85 13.71
CA LEU B 54 24.53 5.15 12.86
C LEU B 54 25.89 5.04 13.57
N GLY B 55 26.64 3.97 13.23
CA GLY B 55 28.01 3.81 13.69
C GLY B 55 29.00 4.37 12.66
N PRO B 56 30.28 4.57 13.04
CA PRO B 56 31.30 5.05 12.11
C PRO B 56 31.49 4.42 10.74
N LYS B 57 31.19 3.12 10.60
CA LYS B 57 31.40 2.45 9.32
C LYS B 57 30.51 3.08 8.25
N ASP B 58 29.44 3.75 8.70
CA ASP B 58 28.46 4.32 7.79
C ASP B 58 28.56 5.84 7.72
N LEU B 59 29.63 6.41 8.31
CA LEU B 59 29.77 7.88 8.36
C LEU B 59 31.04 8.33 7.65
N PHE B 60 30.85 9.15 6.62
CA PHE B 60 31.93 9.55 5.73
C PHE B 60 32.13 11.05 5.97
N PRO B 61 33.22 11.51 6.62
CA PRO B 61 33.45 12.97 6.72
C PRO B 61 33.18 13.71 5.39
N TYR B 62 32.46 14.86 5.45
CA TYR B 62 31.92 15.50 4.27
C TYR B 62 32.97 16.08 3.35
N ASP B 63 33.93 16.82 3.94
CA ASP B 63 35.01 17.43 3.17
C ASP B 63 35.78 16.36 2.39
N LYS B 64 36.16 15.28 3.07
CA LYS B 64 36.88 14.22 2.38
C LYS B 64 36.06 13.67 1.20
N SER B 65 34.72 13.57 1.35
CA SER B 65 33.99 12.68 0.45
C SER B 65 33.00 13.40 -0.48
N LYS B 66 32.95 14.74 -0.44
CA LYS B 66 31.89 15.43 -1.16
C LYS B 66 31.99 15.26 -2.68
N ASP B 67 33.19 15.17 -3.25
CA ASP B 67 33.19 15.10 -4.70
C ASP B 67 32.72 13.73 -5.17
N LYS B 68 32.85 12.73 -4.28
CA LYS B 68 32.36 11.39 -4.63
C LYS B 68 30.85 11.30 -4.43
N TYR B 69 30.37 11.73 -3.24
CA TYR B 69 28.99 11.43 -2.86
C TYR B 69 28.05 12.62 -3.07
N GLY B 70 28.58 13.80 -3.37
CA GLY B 70 27.78 15.00 -3.30
C GLY B 70 27.16 15.40 -4.63
N LYS B 71 26.74 14.43 -5.44
CA LYS B 71 26.15 14.66 -6.76
C LYS B 71 24.63 14.57 -6.64
N PRO B 72 23.86 15.42 -7.36
CA PRO B 72 22.40 15.35 -7.30
C PRO B 72 21.88 14.00 -7.80
N ASN B 73 20.72 13.57 -7.27
CA ASN B 73 20.04 12.39 -7.80
C ASN B 73 18.52 12.62 -7.70
N LYS B 74 17.74 11.58 -7.98
CA LYS B 74 16.28 11.69 -8.04
C LYS B 74 15.58 11.21 -6.76
N ARG B 75 16.31 10.97 -5.66
CA ARG B 75 15.69 10.59 -4.40
C ARG B 75 15.07 11.83 -3.74
N LYS B 76 13.85 11.68 -3.20
CA LYS B 76 13.16 12.80 -2.58
C LYS B 76 13.97 13.32 -1.39
N GLY B 77 14.23 14.63 -1.40
CA GLY B 77 14.91 15.27 -0.27
C GLY B 77 16.41 15.42 -0.51
N PHE B 78 16.99 14.60 -1.40
CA PHE B 78 18.44 14.64 -1.61
C PHE B 78 18.96 16.01 -2.08
N ASN B 79 18.34 16.61 -3.10
CA ASN B 79 18.96 17.83 -3.61
C ASN B 79 18.71 18.97 -2.61
N GLU B 80 17.59 18.90 -1.89
CA GLU B 80 17.38 19.91 -0.86
C GLU B 80 18.47 19.76 0.21
N GLY B 81 18.85 18.50 0.49
CA GLY B 81 19.81 18.16 1.53
C GLY B 81 21.18 18.66 1.10
N LEU B 82 21.47 18.55 -0.20
CA LEU B 82 22.72 19.11 -0.70
C LEU B 82 22.73 20.62 -0.46
N TRP B 83 21.59 21.29 -0.67
CA TRP B 83 21.52 22.73 -0.43
C TRP B 83 21.78 23.05 1.04
N GLU B 84 21.16 22.31 1.96
CA GLU B 84 21.26 22.58 3.38
C GLU B 84 22.69 22.40 3.92
N ILE B 85 23.37 21.33 3.48
CA ILE B 85 24.67 21.04 4.11
C ILE B 85 25.70 22.07 3.62
N GLN B 86 25.45 22.59 2.42
CA GLN B 86 26.29 23.61 1.81
C GLN B 86 25.98 25.01 2.35
N ASN B 87 24.73 25.33 2.65
CA ASN B 87 24.42 26.76 2.85
C ASN B 87 24.04 27.10 4.29
N ASN B 88 23.54 26.12 5.05
CA ASN B 88 23.13 26.35 6.43
C ASN B 88 23.12 25.05 7.23
N PRO B 89 24.29 24.37 7.32
CA PRO B 89 24.36 23.03 7.94
C PRO B 89 24.03 23.02 9.44
N HIS B 90 24.12 24.19 10.12
CA HIS B 90 23.97 24.22 11.58
C HIS B 90 22.65 24.83 12.05
N ALA B 91 21.72 25.06 11.11
CA ALA B 91 20.42 25.62 11.42
C ALA B 91 19.53 24.63 12.19
N SER B 92 18.49 25.20 12.84
CA SER B 92 17.37 24.46 13.34
C SER B 92 16.41 24.16 12.18
N TYR B 93 16.13 22.87 11.96
CA TYR B 93 15.18 22.35 11.00
C TYR B 93 14.02 21.74 11.79
N SER B 94 13.81 22.28 12.99
CA SER B 94 12.72 21.93 13.89
C SER B 94 11.36 22.16 13.21
N HIS C 4 -29.04 -20.04 15.32
CA HIS C 4 -29.37 -18.76 14.64
C HIS C 4 -30.62 -18.96 13.79
N ALA C 5 -30.93 -17.97 12.95
CA ALA C 5 -32.01 -18.00 11.97
C ALA C 5 -31.41 -17.90 10.58
N PHE C 6 -31.71 -18.88 9.71
CA PHE C 6 -31.28 -18.77 8.33
C PHE C 6 -32.46 -19.06 7.41
N LYS C 7 -32.90 -18.03 6.67
CA LYS C 7 -33.96 -18.15 5.67
C LYS C 7 -33.31 -17.97 4.30
N PRO C 8 -33.92 -18.43 3.18
CA PRO C 8 -33.28 -18.24 1.87
C PRO C 8 -32.92 -16.76 1.68
N GLY C 9 -31.87 -16.51 0.87
CA GLY C 9 -31.48 -15.16 0.52
C GLY C 9 -30.45 -14.57 1.49
N ASP C 10 -30.41 -15.08 2.74
CA ASP C 10 -29.52 -14.69 3.82
C ASP C 10 -28.06 -14.88 3.43
N LEU C 11 -27.23 -13.87 3.74
CA LEU C 11 -25.85 -13.83 3.29
C LEU C 11 -24.95 -14.32 4.41
N VAL C 12 -23.99 -15.20 4.08
CA VAL C 12 -23.22 -15.88 5.09
C VAL C 12 -21.79 -16.06 4.56
N PHE C 13 -20.90 -16.40 5.50
CA PHE C 13 -19.67 -17.17 5.26
C PHE C 13 -19.93 -18.63 5.61
N ALA C 14 -19.53 -19.54 4.70
CA ALA C 14 -19.84 -20.95 4.84
C ALA C 14 -18.53 -21.74 4.85
N LYS C 15 -18.38 -22.62 5.85
CA LYS C 15 -17.13 -23.34 6.07
C LYS C 15 -17.32 -24.80 5.67
N MET C 16 -16.51 -25.25 4.70
CA MET C 16 -16.42 -26.65 4.33
C MET C 16 -15.01 -27.13 4.65
N LYS C 17 -14.89 -28.43 4.92
CA LYS C 17 -13.56 -28.98 5.19
C LYS C 17 -12.75 -28.87 3.90
N GLY C 18 -11.54 -28.35 4.02
CA GLY C 18 -10.66 -28.26 2.86
C GLY C 18 -10.65 -26.86 2.24
N TYR C 19 -11.40 -25.92 2.85
CA TYR C 19 -11.62 -24.61 2.24
C TYR C 19 -11.74 -23.53 3.32
N PRO C 20 -11.29 -22.30 3.03
CA PRO C 20 -11.50 -21.19 3.97
C PRO C 20 -12.97 -20.81 4.06
N HIS C 21 -13.31 -20.03 5.10
CA HIS C 21 -14.68 -19.52 5.24
C HIS C 21 -15.03 -18.76 3.97
N TRP C 22 -16.14 -19.13 3.34
CA TRP C 22 -16.37 -18.72 1.95
C TRP C 22 -17.62 -17.85 1.87
N PRO C 23 -17.61 -16.75 1.08
CA PRO C 23 -18.81 -15.91 0.92
C PRO C 23 -19.90 -16.71 0.19
N ALA C 24 -21.10 -16.73 0.79
CA ALA C 24 -22.17 -17.56 0.26
C ALA C 24 -23.55 -16.97 0.60
N ARG C 25 -24.61 -17.61 0.08
CA ARG C 25 -25.95 -17.31 0.58
C ARG C 25 -26.73 -18.61 0.74
N ILE C 26 -27.76 -18.55 1.58
CA ILE C 26 -28.77 -19.60 1.76
C ILE C 26 -29.70 -19.61 0.54
N ASP C 27 -29.79 -20.77 -0.13
CA ASP C 27 -30.71 -20.96 -1.24
C ASP C 27 -32.14 -21.20 -0.75
N PRO C 36 -32.91 -32.68 0.94
CA PRO C 36 -31.87 -32.17 1.82
C PRO C 36 -31.59 -33.17 2.96
N PRO C 37 -30.32 -33.38 3.35
CA PRO C 37 -30.02 -34.22 4.52
C PRO C 37 -30.60 -33.51 5.73
N PRO C 38 -30.96 -34.25 6.82
CA PRO C 38 -31.58 -33.65 8.00
C PRO C 38 -30.78 -32.50 8.58
N ASN C 39 -31.46 -31.38 8.85
CA ASN C 39 -30.87 -30.22 9.51
C ASN C 39 -29.75 -29.61 8.66
N LYS C 40 -29.83 -29.70 7.33
CA LYS C 40 -28.83 -29.02 6.51
C LYS C 40 -29.49 -27.96 5.63
N TYR C 41 -28.75 -26.86 5.38
CA TYR C 41 -29.21 -25.83 4.48
C TYR C 41 -28.55 -25.97 3.12
N PRO C 42 -29.27 -25.58 2.04
CA PRO C 42 -28.72 -25.49 0.69
C PRO C 42 -27.94 -24.19 0.63
N ILE C 43 -26.65 -24.30 0.26
CA ILE C 43 -25.76 -23.16 0.17
C ILE C 43 -25.35 -22.91 -1.27
N PHE C 44 -25.30 -21.63 -1.64
CA PHE C 44 -24.73 -21.28 -2.93
C PHE C 44 -23.47 -20.44 -2.67
N PHE C 45 -22.36 -20.82 -3.29
CA PHE C 45 -21.09 -20.19 -3.00
C PHE C 45 -20.83 -19.13 -4.05
N PHE C 46 -20.61 -17.89 -3.60
CA PHE C 46 -20.24 -16.83 -4.53
C PHE C 46 -18.88 -17.10 -5.16
N GLY C 47 -18.68 -16.56 -6.37
CA GLY C 47 -17.39 -16.69 -7.03
C GLY C 47 -17.26 -18.01 -7.79
N THR C 48 -17.38 -19.14 -7.07
CA THR C 48 -17.35 -20.44 -7.76
C THR C 48 -18.73 -20.77 -8.33
N HIS C 49 -19.78 -20.26 -7.70
CA HIS C 49 -21.18 -20.50 -8.06
C HIS C 49 -21.57 -21.98 -7.92
N GLU C 50 -20.94 -22.67 -6.95
CA GLU C 50 -21.26 -24.06 -6.68
C GLU C 50 -22.25 -24.15 -5.51
N THR C 51 -22.82 -25.34 -5.31
CA THR C 51 -23.80 -25.55 -4.23
C THR C 51 -23.34 -26.73 -3.37
N ALA C 52 -23.81 -26.75 -2.13
CA ALA C 52 -23.57 -27.84 -1.19
C ALA C 52 -24.58 -27.74 -0.05
N PHE C 53 -24.68 -28.79 0.77
CA PHE C 53 -25.53 -28.77 1.95
C PHE C 53 -24.64 -28.66 3.17
N LEU C 54 -24.97 -27.71 4.05
CA LEU C 54 -24.15 -27.49 5.24
C LEU C 54 -25.07 -27.32 6.44
N GLY C 55 -24.58 -27.72 7.62
CA GLY C 55 -25.28 -27.52 8.88
C GLY C 55 -25.02 -26.12 9.45
N PRO C 56 -25.83 -25.67 10.44
CA PRO C 56 -25.80 -24.29 10.87
C PRO C 56 -24.51 -23.94 11.61
N LYS C 57 -23.80 -24.97 12.07
CA LYS C 57 -22.51 -24.81 12.72
C LYS C 57 -21.47 -24.27 11.74
N ASP C 58 -21.73 -24.48 10.44
CA ASP C 58 -20.76 -24.18 9.38
C ASP C 58 -21.03 -22.81 8.77
N LEU C 59 -22.03 -22.08 9.29
CA LEU C 59 -22.49 -20.86 8.67
C LEU C 59 -22.37 -19.71 9.66
N PHE C 60 -22.01 -18.52 9.14
CA PHE C 60 -21.82 -17.30 9.92
C PHE C 60 -22.47 -16.12 9.19
N PRO C 61 -23.41 -15.35 9.78
CA PRO C 61 -24.04 -14.25 9.03
C PRO C 61 -22.99 -13.25 8.58
N TYR C 62 -23.21 -12.72 7.36
CA TYR C 62 -22.22 -11.97 6.61
C TYR C 62 -21.87 -10.66 7.32
N ASP C 63 -22.88 -9.91 7.73
CA ASP C 63 -22.63 -8.61 8.36
C ASP C 63 -21.91 -8.77 9.68
N LYS C 64 -22.24 -9.82 10.42
CA LYS C 64 -21.62 -10.08 11.72
C LYS C 64 -20.15 -10.47 11.56
N SER C 65 -19.79 -11.23 10.50
CA SER C 65 -18.47 -11.86 10.50
C SER C 65 -17.56 -11.36 9.38
N LYS C 66 -18.06 -10.45 8.53
CA LYS C 66 -17.22 -10.02 7.41
C LYS C 66 -15.91 -9.43 7.88
N ASP C 67 -15.92 -8.71 9.02
CA ASP C 67 -14.69 -8.10 9.52
C ASP C 67 -13.59 -9.17 9.65
N LYS C 68 -14.00 -10.39 10.00
CA LYS C 68 -13.07 -11.48 10.22
C LYS C 68 -12.78 -12.32 8.94
N TYR C 69 -13.81 -12.64 8.14
CA TYR C 69 -13.58 -13.57 7.03
C TYR C 69 -13.55 -12.85 5.68
N GLY C 70 -14.03 -11.60 5.62
CA GLY C 70 -14.15 -10.89 4.36
C GLY C 70 -12.81 -10.26 4.01
N LYS C 71 -11.85 -11.12 3.69
CA LYS C 71 -10.49 -10.68 3.41
C LYS C 71 -9.97 -11.53 2.26
N PRO C 72 -9.22 -10.95 1.30
CA PRO C 72 -8.83 -11.71 0.12
C PRO C 72 -7.98 -12.93 0.43
N ASN C 73 -8.03 -13.90 -0.47
CA ASN C 73 -7.00 -14.92 -0.52
C ASN C 73 -6.99 -15.44 -1.93
N LYS C 74 -6.08 -16.38 -2.21
CA LYS C 74 -5.76 -16.70 -3.60
C LYS C 74 -6.53 -17.93 -4.06
N ARG C 75 -7.44 -18.44 -3.23
CA ARG C 75 -8.18 -19.64 -3.65
C ARG C 75 -9.10 -19.32 -4.83
N LYS C 76 -9.26 -20.33 -5.68
CA LYS C 76 -10.00 -20.21 -6.93
C LYS C 76 -11.41 -19.66 -6.68
N GLY C 77 -11.64 -18.45 -7.23
CA GLY C 77 -12.98 -17.87 -7.29
C GLY C 77 -13.29 -17.04 -6.05
N PHE C 78 -12.37 -17.01 -5.09
CA PHE C 78 -12.67 -16.44 -3.81
C PHE C 78 -12.90 -14.93 -3.97
N ASN C 79 -11.98 -14.26 -4.70
CA ASN C 79 -11.99 -12.80 -4.62
C ASN C 79 -13.17 -12.28 -5.43
N GLU C 80 -13.48 -12.97 -6.51
CA GLU C 80 -14.68 -12.63 -7.26
C GLU C 80 -15.91 -12.87 -6.38
N GLY C 81 -15.84 -13.95 -5.57
CA GLY C 81 -16.90 -14.19 -4.58
C GLY C 81 -17.11 -12.99 -3.66
N LEU C 82 -16.00 -12.46 -3.09
CA LEU C 82 -16.08 -11.31 -2.19
C LEU C 82 -16.74 -10.12 -2.89
N TRP C 83 -16.44 -9.93 -4.18
CA TRP C 83 -17.03 -8.83 -4.90
C TRP C 83 -18.55 -9.04 -5.00
N GLU C 84 -18.97 -10.30 -5.26
CA GLU C 84 -20.38 -10.60 -5.46
C GLU C 84 -21.18 -10.38 -4.18
N ILE C 85 -20.60 -10.79 -3.04
CA ILE C 85 -21.36 -10.76 -1.80
C ILE C 85 -21.61 -9.32 -1.34
N GLN C 86 -20.67 -8.41 -1.65
CA GLN C 86 -20.79 -7.00 -1.31
C GLN C 86 -21.60 -6.20 -2.32
N ASN C 87 -21.51 -6.55 -3.60
CA ASN C 87 -21.94 -5.66 -4.69
C ASN C 87 -23.09 -6.26 -5.53
N ASN C 88 -23.37 -7.57 -5.44
CA ASN C 88 -24.44 -8.15 -6.25
C ASN C 88 -24.92 -9.45 -5.64
N PRO C 89 -25.37 -9.44 -4.36
CA PRO C 89 -25.62 -10.67 -3.62
C PRO C 89 -26.82 -11.52 -4.01
N HIS C 90 -27.72 -10.95 -4.84
CA HIS C 90 -28.99 -11.58 -5.18
C HIS C 90 -29.18 -11.67 -6.70
N ALA C 91 -28.08 -11.58 -7.47
CA ALA C 91 -28.12 -11.84 -8.89
C ALA C 91 -28.25 -13.35 -9.14
N SER C 92 -28.32 -13.74 -10.43
CA SER C 92 -28.70 -15.10 -10.83
C SER C 92 -27.52 -16.07 -10.83
N TYR C 93 -26.43 -15.71 -11.53
CA TYR C 93 -25.30 -16.57 -11.78
C TYR C 93 -25.80 -17.96 -12.22
S SO4 D . -3.11 -12.70 -16.55
O1 SO4 D . -1.78 -13.08 -16.14
O2 SO4 D . -3.40 -11.38 -16.08
O3 SO4 D . -3.19 -12.73 -18.00
O4 SO4 D . -4.06 -13.63 -16.00
S SO4 E . -6.04 -1.70 -24.65
O1 SO4 E . -4.91 -0.80 -24.64
O2 SO4 E . -7.26 -0.92 -24.66
O3 SO4 E . -5.97 -2.53 -25.83
O4 SO4 E . -6.02 -2.54 -23.49
C1 EDO F . 1.62 0.23 -0.50
O1 EDO F . 1.50 0.48 0.91
C2 EDO F . 2.55 1.17 -1.23
O2 EDO F . 1.98 2.47 -1.39
N1 A1A3S G . 2.44 -5.59 -15.23
C4 A1A3S G . 4.27 -6.97 -14.26
C5 A1A3S G . 3.22 -7.94 -13.74
C6 A1A3S G . 1.89 -7.23 -13.51
C7 A1A3S G . 1.43 -6.54 -14.77
C8 A1A3S G . -2.38 -2.57 -14.37
O2 A1A3S G . -1.38 -3.73 -12.27
S A1A3S G . -1.33 -3.80 -13.70
O1 A1A3S G . -1.68 -5.03 -14.33
N A1A3S G . 0.20 -3.42 -14.16
C A1A3S G . 0.84 -2.25 -13.58
C1 A1A3S G . 0.71 -3.85 -15.48
C2 A1A3S G . 2.18 -4.28 -15.48
O A1A3S G . 3.07 -3.48 -15.74
C3 A1A3S G . 3.78 -6.18 -15.47
S SO4 H . -7.65 -11.94 -8.09
O1 SO4 H . -7.30 -10.81 -7.29
O2 SO4 H . -6.45 -12.64 -8.48
O3 SO4 H . -8.53 -12.81 -7.32
O4 SO4 H . -8.34 -11.50 -9.28
S SO4 I . 14.31 17.54 -3.46
O1 SO4 I . 15.23 17.49 -2.35
O2 SO4 I . 15.05 17.46 -4.70
O3 SO4 I . 13.37 16.43 -3.43
O4 SO4 I . 13.62 18.81 -3.36
S SO4 J . 22.23 -0.60 -0.85
O1 SO4 J . 21.63 -0.46 0.43
O2 SO4 J . 23.24 -1.63 -0.80
O3 SO4 J . 21.23 -0.95 -1.83
O4 SO4 J . 22.84 0.65 -1.26
N1 A1A3S K . 13.51 6.46 6.34
C4 A1A3S K . 11.17 5.99 6.95
C5 A1A3S K . 10.94 5.93 5.46
C6 A1A3S K . 11.70 7.04 4.76
C7 A1A3S K . 12.84 7.56 5.61
C8 A1A3S K . 17.95 8.77 3.68
O2 A1A3S K . 16.73 10.54 5.14
S A1A3S K . 16.47 9.30 4.47
O1 A1A3S K . 15.40 9.25 3.54
N A1A3S K . 16.16 8.20 5.61
C A1A3S K . 16.98 8.24 6.83
C1 A1A3S K . 15.61 6.91 5.13
C2 A1A3S K . 14.80 6.14 6.18
O A1A3S K . 15.35 5.28 6.84
C3 A1A3S K . 12.64 5.78 7.30
C1 EDO L . -15.36 -23.53 -2.50
O1 EDO L . -14.54 -23.75 -3.62
C2 EDO L . -16.63 -22.88 -2.86
O2 EDO L . -17.20 -23.44 -4.01
S SO4 M . -10.29 -27.28 9.06
O1 SO4 M . -9.89 -26.68 10.31
O2 SO4 M . -10.40 -26.25 8.06
O3 SO4 M . -9.33 -28.26 8.65
O4 SO4 M . -11.57 -27.92 9.23
#